data_5GUI
#
_entry.id   5GUI
#
_cell.length_a   40.100
_cell.length_b   44.290
_cell.length_c   97.560
_cell.angle_alpha   90.00
_cell.angle_beta   90.00
_cell.angle_gamma   90.00
#
_symmetry.space_group_name_H-M   'P 21 21 21'
#
loop_
_entity.id
_entity.type
_entity.pdbx_description
1 polymer 'Chaperone protein ClpC1, chloroplastic'
2 non-polymer 'PHOSPHATE ION'
3 water water
#
_entity_poly.entity_id   1
_entity_poly.type   'polypeptide(L)'
_entity_poly.pdbx_seq_one_letter_code
;MFERFTEKAIKVIMLAQEEARRLGHNFVGTEQILLGLIGEGTGIAAKVLKSMGINLKDARVEVEKIIGRGSGFVAVEIPF
TPRAKRVLELSLEEARQLGHNYIGSEHLLLGLLREGEGVAARVLENLGADPSNIRTQVIRMVGENLEHHHHHH
;
_entity_poly.pdbx_strand_id   A
#
# COMPACT_ATOMS: atom_id res chain seq x y z
N MET A 1 -11.58 11.24 -8.09
CA MET A 1 -11.93 11.98 -6.84
C MET A 1 -12.21 11.04 -5.68
N PHE A 2 -11.58 9.86 -5.67
CA PHE A 2 -11.64 8.93 -4.55
C PHE A 2 -13.01 8.32 -4.31
N GLU A 3 -13.87 8.21 -5.34
CA GLU A 3 -15.18 7.64 -5.20
C GLU A 3 -15.24 6.18 -5.57
N ARG A 4 -14.11 5.58 -5.95
CA ARG A 4 -14.04 4.25 -6.49
CA ARG A 4 -14.17 4.19 -6.42
C ARG A 4 -13.44 3.21 -5.55
N PHE A 5 -13.38 3.46 -4.26
CA PHE A 5 -12.83 2.48 -3.33
C PHE A 5 -13.85 1.53 -2.75
N THR A 6 -13.47 0.31 -2.46
CA THR A 6 -14.25 -0.57 -1.59
C THR A 6 -14.02 -0.18 -0.13
N GLU A 7 -14.78 -0.74 0.79
CA GLU A 7 -14.55 -0.49 2.20
C GLU A 7 -13.13 -0.86 2.59
N LYS A 8 -12.66 -2.04 2.17
CA LYS A 8 -11.34 -2.48 2.61
C LYS A 8 -10.24 -1.60 2.03
N ALA A 9 -10.37 -1.06 0.86
CA ALA A 9 -9.41 -0.08 0.37
C ALA A 9 -9.43 1.17 1.20
N ILE A 10 -10.60 1.66 1.60
CA ILE A 10 -10.64 2.80 2.51
C ILE A 10 -9.99 2.44 3.83
N LYS A 11 -10.18 1.25 4.34
CA LYS A 11 -9.52 0.80 5.57
C LYS A 11 -7.99 0.86 5.40
N VAL A 12 -7.48 0.40 4.29
CA VAL A 12 -6.01 0.50 4.01
C VAL A 12 -5.62 1.94 4.04
N ILE A 13 -6.32 2.88 3.44
CA ILE A 13 -5.92 4.29 3.41
CA ILE A 13 -5.92 4.26 3.41
C ILE A 13 -5.99 4.87 4.80
N MET A 14 -6.98 4.51 5.61
CA MET A 14 -7.07 4.97 7.01
CA MET A 14 -7.06 5.00 6.98
C MET A 14 -5.85 4.50 7.76
N LEU A 15 -5.44 3.27 7.56
CA LEU A 15 -4.23 2.75 8.22
CA LEU A 15 -4.24 2.71 8.16
C LEU A 15 -3.02 3.49 7.68
N ALA A 16 -2.93 3.81 6.41
CA ALA A 16 -1.81 4.61 5.89
C ALA A 16 -1.75 5.97 6.57
N GLN A 17 -2.89 6.61 6.79
CA GLN A 17 -2.91 7.88 7.53
C GLN A 17 -2.39 7.70 8.95
N GLU A 18 -2.81 6.63 9.62
CA GLU A 18 -2.33 6.39 10.95
CA GLU A 18 -2.34 6.28 10.97
C GLU A 18 -0.83 6.11 10.96
N GLU A 19 -0.30 5.44 9.96
CA GLU A 19 1.16 5.22 9.85
C GLU A 19 1.87 6.50 9.61
N ALA A 20 1.33 7.45 8.87
CA ALA A 20 1.90 8.77 8.75
C ALA A 20 1.98 9.43 10.11
N ARG A 21 0.85 9.45 10.83
CA ARG A 21 0.80 10.13 12.11
CA ARG A 21 0.82 10.12 12.12
C ARG A 21 1.71 9.48 13.15
N ARG A 22 1.87 8.18 13.12
CA ARG A 22 2.73 7.43 14.05
CA ARG A 22 2.71 7.51 14.11
C ARG A 22 4.17 7.97 14.00
N LEU A 23 4.61 8.38 12.82
CA LEU A 23 5.95 8.94 12.61
CA LEU A 23 5.96 8.83 12.57
C LEU A 23 5.98 10.40 12.45
N GLY A 24 4.89 11.08 12.83
CA GLY A 24 4.86 12.55 12.86
C GLY A 24 4.77 13.23 11.53
N HIS A 25 4.30 12.51 10.51
CA HIS A 25 4.14 13.05 9.17
C HIS A 25 2.72 13.37 8.93
N ASN A 26 2.49 14.27 7.97
CA ASN A 26 1.16 14.61 7.61
CA ASN A 26 1.17 14.76 7.59
C ASN A 26 0.96 14.58 6.10
N PHE A 27 1.31 13.39 5.56
CA PHE A 27 1.04 13.07 4.18
C PHE A 27 0.87 11.57 4.10
N VAL A 28 0.18 11.14 3.04
CA VAL A 28 0.16 9.73 2.64
C VAL A 28 0.94 9.59 1.35
N GLY A 29 2.09 8.94 1.46
CA GLY A 29 2.92 8.59 0.31
C GLY A 29 2.83 7.12 -0.01
N THR A 30 3.56 6.72 -1.03
CA THR A 30 3.60 5.33 -1.40
C THR A 30 3.94 4.43 -0.22
N GLU A 31 4.89 4.91 0.63
CA GLU A 31 5.35 4.09 1.71
C GLU A 31 4.27 3.86 2.78
N GLN A 32 3.47 4.88 3.06
CA GLN A 32 2.37 4.71 4.03
C GLN A 32 1.29 3.76 3.45
N ILE A 33 1.06 3.85 2.13
CA ILE A 33 0.13 2.89 1.48
C ILE A 33 0.68 1.49 1.66
N LEU A 34 1.99 1.27 1.43
CA LEU A 34 2.56 -0.05 1.65
C LEU A 34 2.31 -0.54 3.07
N LEU A 35 2.62 0.32 4.06
CA LEU A 35 2.41 -0.10 5.44
C LEU A 35 0.94 -0.43 5.76
N GLY A 36 0.04 0.39 5.22
CA GLY A 36 -1.40 0.07 5.39
C GLY A 36 -1.77 -1.28 4.77
N LEU A 37 -1.23 -1.56 3.59
CA LEU A 37 -1.53 -2.84 2.95
C LEU A 37 -1.08 -4.01 3.76
N ILE A 38 0.17 -3.88 4.31
CA ILE A 38 0.69 -4.97 5.15
C ILE A 38 -0.13 -5.15 6.40
N GLY A 39 -0.38 -4.03 7.09
CA GLY A 39 -1.02 -4.08 8.40
C GLY A 39 -2.49 -4.32 8.42
N GLU A 40 -3.16 -4.14 7.27
CA GLU A 40 -4.63 -4.30 7.24
C GLU A 40 -5.02 -5.71 7.65
N GLY A 41 -4.19 -6.68 7.30
CA GLY A 41 -4.26 -8.01 7.83
C GLY A 41 -5.23 -9.01 7.24
N THR A 42 -6.30 -8.57 6.60
CA THR A 42 -7.37 -9.51 6.20
C THR A 42 -7.57 -9.63 4.71
N GLY A 43 -7.20 -8.62 3.95
CA GLY A 43 -7.44 -8.65 2.54
C GLY A 43 -6.44 -9.44 1.74
N ILE A 44 -6.68 -9.49 0.44
CA ILE A 44 -5.78 -10.19 -0.45
C ILE A 44 -4.36 -9.60 -0.37
N ALA A 45 -4.24 -8.27 -0.39
CA ALA A 45 -2.90 -7.71 -0.31
C ALA A 45 -2.15 -8.15 0.96
N ALA A 46 -2.82 -7.99 2.10
CA ALA A 46 -2.19 -8.36 3.36
C ALA A 46 -1.79 -9.81 3.39
N LYS A 47 -2.68 -10.64 2.85
CA LYS A 47 -2.39 -12.12 2.86
CA LYS A 47 -2.46 -12.08 2.69
C LYS A 47 -1.33 -12.76 1.78
N VAL A 48 -1.14 -11.88 0.80
CA VAL A 48 -0.01 -12.12 -0.08
C VAL A 48 1.28 -11.62 0.56
N LEU A 49 1.26 -10.38 1.07
CA LEU A 49 2.48 -9.83 1.67
C LEU A 49 2.96 -10.68 2.83
N LYS A 50 2.06 -11.14 3.68
CA LYS A 50 2.43 -11.99 4.79
C LYS A 50 3.05 -13.31 4.28
N SER A 51 2.42 -13.93 3.26
CA SER A 51 2.93 -15.16 2.70
CA SER A 51 2.94 -15.16 2.75
C SER A 51 4.34 -15.01 2.17
N MET A 52 4.69 -13.82 1.69
CA MET A 52 5.99 -13.55 1.13
CA MET A 52 5.98 -13.51 1.08
C MET A 52 6.99 -13.01 2.11
N GLY A 53 6.65 -13.02 3.40
CA GLY A 53 7.58 -12.67 4.48
C GLY A 53 7.74 -11.19 4.66
N ILE A 54 6.83 -10.38 4.17
CA ILE A 54 6.90 -8.92 4.28
CA ILE A 54 6.92 -8.95 4.30
C ILE A 54 6.16 -8.57 5.55
N ASN A 55 6.94 -8.21 6.57
CA ASN A 55 6.53 -8.08 7.95
CA ASN A 55 6.39 -8.04 7.88
C ASN A 55 6.39 -6.57 8.28
N LEU A 56 5.33 -6.21 9.01
CA LEU A 56 5.06 -4.81 9.28
C LEU A 56 6.22 -4.13 10.04
N LYS A 57 6.72 -4.79 11.10
CA LYS A 57 7.83 -4.21 11.90
C LYS A 57 9.01 -3.91 10.96
N ASP A 58 9.39 -4.88 10.13
CA ASP A 58 10.52 -4.71 9.25
CA ASP A 58 10.54 -4.73 9.23
C ASP A 58 10.32 -3.56 8.30
N ALA A 59 9.10 -3.51 7.72
CA ALA A 59 8.80 -2.43 6.78
C ALA A 59 8.80 -1.08 7.48
N ARG A 60 8.26 -1.01 8.68
CA ARG A 60 8.29 0.26 9.41
C ARG A 60 9.73 0.71 9.67
N VAL A 61 10.59 -0.24 10.06
CA VAL A 61 11.98 0.13 10.33
C VAL A 61 12.63 0.70 9.06
N GLU A 62 12.38 0.05 7.89
CA GLU A 62 12.93 0.55 6.66
C GLU A 62 12.37 1.91 6.23
N VAL A 63 11.06 2.09 6.43
CA VAL A 63 10.48 3.38 6.12
C VAL A 63 11.14 4.48 6.95
N GLU A 64 11.20 4.28 8.25
CA GLU A 64 11.77 5.32 9.10
C GLU A 64 13.25 5.62 8.75
N LYS A 65 13.99 4.60 8.35
CA LYS A 65 15.38 4.78 7.95
C LYS A 65 15.45 5.75 6.77
N ILE A 66 14.45 5.71 5.88
CA ILE A 66 14.48 6.57 4.70
C ILE A 66 13.88 7.98 4.96
N ILE A 67 12.75 8.06 5.64
CA ILE A 67 12.05 9.38 5.76
C ILE A 67 12.17 10.01 7.13
N GLY A 68 12.63 9.27 8.14
CA GLY A 68 12.73 9.80 9.48
C GLY A 68 11.40 10.14 10.11
N ARG A 69 11.44 10.97 11.12
CA ARG A 69 10.30 11.34 11.87
CA ARG A 69 10.28 11.39 11.90
C ARG A 69 9.99 12.82 11.61
N GLY A 70 8.72 13.18 11.47
CA GLY A 70 8.35 14.54 11.21
C GLY A 70 8.12 15.33 12.49
N SER A 71 7.46 16.50 12.29
CA SER A 71 7.22 17.50 13.34
C SER A 71 6.24 17.00 14.38
N GLY A 72 5.40 16.02 14.04
CA GLY A 72 4.32 15.53 14.92
C GLY A 72 3.12 16.50 14.87
N PHE A 73 3.34 17.50 13.96
CA PHE A 73 2.39 18.56 13.83
C PHE A 73 1.31 17.76 13.20
N VAL A 74 0.09 17.99 13.64
CA VAL A 74 -1.04 17.35 12.98
CA VAL A 74 -1.11 17.34 13.07
C VAL A 74 -1.92 18.42 12.34
N ALA A 75 -2.27 18.19 11.07
CA ALA A 75 -3.27 19.01 10.36
C ALA A 75 -4.37 18.09 9.93
N VAL A 76 -5.64 18.53 9.95
CA VAL A 76 -6.79 17.68 9.54
C VAL A 76 -6.65 17.28 8.08
N GLU A 77 -6.08 18.16 7.25
CA GLU A 77 -5.82 17.71 5.89
C GLU A 77 -4.59 16.82 5.88
N ILE A 78 -4.79 15.59 5.38
CA ILE A 78 -3.68 14.68 5.18
CA ILE A 78 -3.66 14.62 5.17
C ILE A 78 -3.72 14.21 3.73
N PRO A 79 -3.11 14.99 2.90
CA PRO A 79 -3.20 14.73 1.51
C PRO A 79 -2.23 13.67 1.06
N PHE A 80 -2.60 13.08 -0.05
CA PHE A 80 -1.74 12.19 -0.77
C PHE A 80 -0.60 12.93 -1.49
N THR A 81 0.58 12.30 -1.51
CA THR A 81 1.66 12.81 -2.34
C THR A 81 1.36 12.59 -3.83
N PRO A 82 2.12 13.26 -4.73
CA PRO A 82 1.89 13.01 -6.18
C PRO A 82 2.07 11.57 -6.53
N ARG A 83 3.13 10.91 -6.03
CA ARG A 83 3.33 9.48 -6.39
CA ARG A 83 3.34 9.52 -6.33
C ARG A 83 2.22 8.63 -5.82
N ALA A 84 1.72 8.95 -4.63
CA ALA A 84 0.57 8.19 -4.10
C ALA A 84 -0.65 8.38 -5.00
N LYS A 85 -0.90 9.59 -5.49
CA LYS A 85 -2.02 9.78 -6.41
C LYS A 85 -1.84 8.97 -7.68
N ARG A 86 -0.60 8.88 -8.16
CA ARG A 86 -0.32 8.03 -9.33
C ARG A 86 -0.63 6.57 -9.01
N VAL A 87 -0.23 6.11 -7.82
CA VAL A 87 -0.58 4.76 -7.40
C VAL A 87 -2.08 4.54 -7.41
N LEU A 88 -2.86 5.52 -6.96
CA LEU A 88 -4.30 5.38 -6.99
C LEU A 88 -4.84 5.30 -8.39
N GLU A 89 -4.30 6.07 -9.31
CA GLU A 89 -4.71 5.99 -10.73
CA GLU A 89 -4.70 6.01 -10.74
C GLU A 89 -4.40 4.61 -11.30
N LEU A 90 -3.21 4.10 -11.03
CA LEU A 90 -2.80 2.77 -11.52
C LEU A 90 -3.64 1.70 -10.87
N SER A 91 -4.05 1.88 -9.61
CA SER A 91 -4.91 0.92 -8.90
CA SER A 91 -4.88 0.90 -8.93
C SER A 91 -6.25 0.77 -9.60
N LEU A 92 -6.80 1.89 -10.04
CA LEU A 92 -8.07 1.82 -10.77
C LEU A 92 -7.89 1.08 -12.08
N GLU A 93 -6.82 1.34 -12.81
CA GLU A 93 -6.52 0.57 -14.01
C GLU A 93 -6.43 -0.91 -13.73
N GLU A 94 -5.76 -1.30 -12.66
CA GLU A 94 -5.60 -2.71 -12.32
C GLU A 94 -6.97 -3.29 -11.96
N ALA A 95 -7.79 -2.57 -11.23
CA ALA A 95 -9.14 -3.06 -10.86
C ALA A 95 -9.93 -3.34 -12.16
N ARG A 96 -9.92 -2.41 -13.08
CA ARG A 96 -10.67 -2.59 -14.31
C ARG A 96 -10.12 -3.72 -15.13
N GLN A 97 -8.80 -3.88 -15.18
CA GLN A 97 -8.18 -5.01 -15.86
C GLN A 97 -8.55 -6.37 -15.27
N LEU A 98 -8.99 -6.38 -14.02
CA LEU A 98 -9.39 -7.58 -13.33
C LEU A 98 -10.94 -7.72 -13.24
N GLY A 99 -11.66 -6.86 -13.98
CA GLY A 99 -13.11 -6.96 -14.04
C GLY A 99 -13.86 -6.26 -12.97
N HIS A 100 -13.22 -5.32 -12.25
CA HIS A 100 -13.84 -4.57 -11.17
C HIS A 100 -13.94 -3.09 -11.53
N ASN A 101 -15.03 -2.46 -11.07
CA ASN A 101 -15.24 -1.02 -11.14
CA ASN A 101 -15.15 -1.00 -11.16
C ASN A 101 -14.77 -0.26 -9.89
N TYR A 102 -14.48 -0.99 -8.83
CA TYR A 102 -14.03 -0.44 -7.57
C TYR A 102 -12.71 -1.08 -7.20
N ILE A 103 -11.91 -0.30 -6.47
CA ILE A 103 -10.57 -0.63 -6.09
C ILE A 103 -10.61 -1.36 -4.74
N GLY A 104 -10.14 -2.61 -4.69
CA GLY A 104 -9.92 -3.37 -3.48
C GLY A 104 -8.44 -3.39 -3.08
N SER A 105 -8.15 -4.11 -2.00
CA SER A 105 -6.76 -4.10 -1.47
C SER A 105 -5.78 -4.63 -2.51
N GLU A 106 -6.17 -5.65 -3.29
CA GLU A 106 -5.24 -6.19 -4.27
C GLU A 106 -4.90 -5.19 -5.32
N HIS A 107 -5.86 -4.31 -5.66
CA HIS A 107 -5.63 -3.35 -6.70
C HIS A 107 -4.69 -2.25 -6.25
N LEU A 108 -4.83 -1.80 -5.00
CA LEU A 108 -3.87 -0.90 -4.40
C LEU A 108 -2.46 -1.50 -4.45
N LEU A 109 -2.32 -2.77 -4.10
CA LEU A 109 -0.99 -3.39 -4.15
C LEU A 109 -0.48 -3.47 -5.56
N LEU A 110 -1.32 -3.92 -6.51
CA LEU A 110 -0.89 -3.99 -7.90
C LEU A 110 -0.50 -2.63 -8.42
N GLY A 111 -1.28 -1.60 -8.09
CA GLY A 111 -0.90 -0.27 -8.52
C GLY A 111 0.38 0.26 -7.93
N LEU A 112 0.59 -0.03 -6.64
CA LEU A 112 1.80 0.32 -5.97
C LEU A 112 3.02 -0.30 -6.70
N LEU A 113 2.92 -1.58 -7.04
CA LEU A 113 4.04 -2.25 -7.69
C LEU A 113 4.24 -1.67 -9.09
N ARG A 114 3.18 -1.35 -9.79
CA ARG A 114 3.32 -0.76 -11.14
CA ARG A 114 3.20 -0.79 -11.15
C ARG A 114 3.94 0.57 -11.16
N GLU A 115 3.63 1.42 -10.17
CA GLU A 115 4.31 2.70 -10.12
CA GLU A 115 4.34 2.70 -9.99
C GLU A 115 5.82 2.49 -9.98
N GLY A 116 6.24 1.57 -9.13
CA GLY A 116 7.58 1.03 -9.15
C GLY A 116 8.73 1.90 -8.84
N GLU A 117 8.47 3.10 -8.35
CA GLU A 117 9.54 4.08 -8.23
C GLU A 117 9.20 4.72 -6.87
N GLY A 118 10.09 5.22 -6.08
CA GLY A 118 9.62 5.91 -4.84
C GLY A 118 9.93 5.19 -3.54
N VAL A 119 9.46 5.72 -2.40
CA VAL A 119 9.91 5.18 -1.14
C VAL A 119 9.43 3.74 -0.94
N ALA A 120 8.19 3.42 -1.28
CA ALA A 120 7.73 2.05 -1.13
C ALA A 120 8.60 1.08 -1.91
N ALA A 121 8.95 1.44 -3.14
CA ALA A 121 9.76 0.56 -3.98
C ALA A 121 11.13 0.31 -3.31
N ARG A 122 11.72 1.37 -2.75
CA ARG A 122 12.99 1.27 -2.11
C ARG A 122 12.87 0.37 -0.85
N VAL A 123 11.78 0.51 -0.09
CA VAL A 123 11.55 -0.34 1.06
C VAL A 123 11.48 -1.81 0.66
N LEU A 124 10.68 -2.11 -0.37
CA LEU A 124 10.59 -3.50 -0.82
C LEU A 124 11.96 -4.04 -1.26
N GLU A 125 12.74 -3.24 -1.96
CA GLU A 125 14.09 -3.67 -2.35
CA GLU A 125 14.11 -3.62 -2.35
C GLU A 125 14.94 -3.92 -1.11
N ASN A 126 14.84 -3.04 -0.14
CA ASN A 126 15.63 -3.20 1.07
C ASN A 126 15.24 -4.39 1.92
N LEU A 127 13.99 -4.81 1.81
CA LEU A 127 13.50 -6.03 2.47
C LEU A 127 13.80 -7.33 1.71
N GLY A 128 14.43 -7.18 0.53
CA GLY A 128 14.77 -8.33 -0.30
C GLY A 128 13.63 -8.86 -1.14
N ALA A 129 12.56 -8.09 -1.30
CA ALA A 129 11.40 -8.56 -1.99
C ALA A 129 11.52 -8.31 -3.47
N ASP A 130 10.81 -9.14 -4.22
CA ASP A 130 10.79 -9.04 -5.65
CA ASP A 130 10.78 -9.08 -5.67
C ASP A 130 9.39 -8.62 -6.15
N PRO A 131 9.26 -7.38 -6.64
CA PRO A 131 7.91 -6.92 -6.97
C PRO A 131 7.24 -7.75 -8.04
N SER A 132 8.03 -8.11 -9.05
CA SER A 132 7.38 -9.12 -10.01
CA SER A 132 7.34 -9.11 -10.03
C SER A 132 6.76 -10.45 -9.35
N ASN A 133 7.40 -11.05 -8.39
CA ASN A 133 6.86 -12.17 -7.73
C ASN A 133 5.63 -11.77 -6.89
N ILE A 134 5.67 -10.60 -6.25
CA ILE A 134 4.48 -10.17 -5.48
C ILE A 134 3.29 -10.08 -6.44
N ARG A 135 3.48 -9.42 -7.58
CA ARG A 135 2.42 -9.26 -8.59
C ARG A 135 1.86 -10.65 -8.95
N THR A 136 2.76 -11.56 -9.29
CA THR A 136 2.33 -12.90 -9.67
C THR A 136 1.51 -13.55 -8.59
N GLN A 137 1.96 -13.41 -7.34
CA GLN A 137 1.21 -14.06 -6.26
C GLN A 137 -0.17 -13.42 -6.02
N VAL A 138 -0.29 -12.11 -6.20
CA VAL A 138 -1.60 -11.45 -6.11
C VAL A 138 -2.55 -12.01 -7.15
N ILE A 139 -2.10 -12.08 -8.42
CA ILE A 139 -3.01 -12.51 -9.46
CA ILE A 139 -2.97 -12.54 -9.49
C ILE A 139 -3.37 -14.00 -9.26
N ARG A 140 -2.42 -14.80 -8.79
CA ARG A 140 -2.70 -16.18 -8.42
CA ARG A 140 -2.75 -16.18 -8.45
C ARG A 140 -3.84 -16.26 -7.41
N MET A 141 -3.74 -15.46 -6.34
CA MET A 141 -4.73 -15.54 -5.28
C MET A 141 -6.09 -15.07 -5.74
N VAL A 142 -6.11 -14.01 -6.55
CA VAL A 142 -7.39 -13.56 -7.09
C VAL A 142 -8.05 -14.68 -7.90
N GLY A 143 -7.27 -15.31 -8.77
CA GLY A 143 -7.87 -16.39 -9.55
C GLY A 143 -8.36 -17.52 -8.70
N GLU A 144 -7.57 -17.90 -7.69
CA GLU A 144 -7.97 -19.03 -6.84
C GLU A 144 -9.30 -18.79 -6.17
N ASN A 145 -9.62 -17.51 -5.90
CA ASN A 145 -10.82 -17.17 -5.18
C ASN A 145 -12.09 -16.98 -6.06
N LEU A 146 -11.95 -17.23 -7.36
CA LEU A 146 -13.09 -16.92 -8.27
C LEU A 146 -14.49 -17.53 -8.02
N GLU A 147 -14.60 -18.78 -7.58
CA GLU A 147 -15.93 -19.32 -7.26
C GLU A 147 -16.59 -18.67 -6.04
N HIS A 148 -15.88 -17.78 -5.35
CA HIS A 148 -16.61 -16.90 -4.43
C HIS A 148 -16.43 -15.42 -4.73
#